data_3QNX
#
_entry.id   3QNX
#
_cell.length_a   49.780
_cell.length_b   95.850
_cell.length_c   107.290
_cell.angle_alpha   90.000
_cell.angle_beta   90.000
_cell.angle_gamma   90.000
#
_symmetry.space_group_name_H-M   'P 21 21 2'
#
loop_
_entity.id
_entity.type
_entity.pdbx_description
1 polymer 'Fab fragment of IMMUNOGLOBULIN A1 LIGHT CHAIN'
2 polymer 'Fab fragment of IMMUNOGLOBULIN A1 HEAVY CHAIN'
3 non-polymer GLYCEROL
4 water water
#
loop_
_entity_poly.entity_id
_entity_poly.type
_entity_poly.pdbx_seq_one_letter_code
_entity_poly.pdbx_strand_id
1 'polypeptide(L)'
;DIVMTQSPLSLSVTPGEPASISCRSSQSLLRRDGHNDLEWYLQKPGQSPQPLIYLGSTRASGVPDRFSGSGSGTDFTLKI
IRVEAEDAGTYYCMQNKQTPLTFGQGTRLEIKRTVAAPSVFIFPPSDEQLKSGTASVVCLLNNFYPREAKVQWKVDNALQ
SGNSQESVTEQDSKDSTYSLSSTLTLSKADYEKHKVYACEVTHQGLSSPVTKSFNRGEC
;
A
2 'polypeptide(L)'
;EVQLVESGGGLVQPGGSLKLSCAASGFTLSGSNVHWVRQASGKGLEWVGRIKRNAESDATAYAASMRGRLTISRDDSKNT
AFLQMNSLKSDDTAMYYCVIRGDVYNRQWGQGTLVTVSSASPTSPKVFPLSLCSTQPDGNVVIACLVQGFFPQEPLSVTW
SESGQGVTARNFPPSQDASGDLYTTSSQLTLPATQCLAGKSVTCHVKHYTNPSQDVTVPCP
;
B
#
loop_
_chem_comp.id
_chem_comp.type
_chem_comp.name
_chem_comp.formula
GOL non-polymer GLYCEROL 'C3 H8 O3'
#
# COMPACT_ATOMS: atom_id res chain seq x y z
N ASP A 1 4.75 -0.68 29.46
CA ASP A 1 5.10 -1.17 28.12
C ASP A 1 6.38 -0.49 27.68
N ILE A 2 7.35 -1.27 27.13
CA ILE A 2 8.62 -0.71 26.65
C ILE A 2 8.39 0.23 25.45
N VAL A 3 8.87 1.48 25.55
CA VAL A 3 8.71 2.48 24.48
C VAL A 3 9.91 2.48 23.54
N MET A 4 9.66 2.31 22.22
CA MET A 4 10.70 2.31 21.19
C MET A 4 10.60 3.62 20.43
N THR A 5 11.68 4.39 20.37
CA THR A 5 11.66 5.66 19.61
C THR A 5 12.77 5.64 18.59
N GLN A 6 12.37 5.76 17.32
CA GLN A 6 13.26 5.79 16.16
C GLN A 6 13.59 7.19 15.76
N SER A 7 14.79 7.36 15.19
CA SER A 7 15.33 8.64 14.73
C SER A 7 16.31 8.44 13.57
N PRO A 8 16.20 9.22 12.46
CA PRO A 8 15.16 10.21 12.16
C PRO A 8 13.87 9.52 11.68
N LEU A 9 12.80 10.27 11.42
CA LEU A 9 11.57 9.63 10.99
C LEU A 9 11.45 9.44 9.47
N SER A 10 12.38 10.03 8.71
CA SER A 10 12.47 9.93 7.26
C SER A 10 13.86 10.31 6.80
N LEU A 11 14.32 9.68 5.71
CA LEU A 11 15.61 9.91 5.09
C LEU A 11 15.44 9.94 3.60
N SER A 12 16.29 10.72 2.90
CA SER A 12 16.37 10.75 1.44
C SER A 12 17.87 10.69 1.17
N VAL A 13 18.34 9.52 0.75
CA VAL A 13 19.76 9.24 0.60
C VAL A 13 20.04 8.90 -0.87
N THR A 14 21.14 9.46 -1.42
CA THR A 14 21.57 9.17 -2.80
C THR A 14 22.13 7.73 -2.88
N PRO A 15 21.86 6.96 -3.95
CA PRO A 15 22.43 5.60 -4.04
C PRO A 15 23.96 5.57 -3.90
N GLY A 16 24.48 4.54 -3.24
CA GLY A 16 25.90 4.43 -2.97
C GLY A 16 26.29 5.04 -1.64
N GLU A 17 25.49 5.99 -1.15
CA GLU A 17 25.73 6.65 0.15
C GLU A 17 25.32 5.77 1.35
N PRO A 18 25.95 5.95 2.55
CA PRO A 18 25.48 5.17 3.71
C PRO A 18 24.24 5.80 4.36
N ALA A 19 23.53 5.04 5.20
CA ALA A 19 22.39 5.53 5.94
C ALA A 19 22.40 4.88 7.28
N SER A 20 21.92 5.59 8.28
CA SER A 20 21.83 4.96 9.58
C SER A 20 20.48 5.30 10.26
N ILE A 21 19.91 4.34 11.00
CA ILE A 21 18.66 4.59 11.75
C ILE A 21 18.89 4.25 13.21
N SER A 22 18.57 5.21 14.08
CA SER A 22 18.70 5.11 15.52
C SER A 22 17.40 4.56 16.17
N CYS A 23 17.56 3.70 17.19
CA CYS A 23 16.44 3.16 17.96
C CYS A 23 16.79 3.20 19.45
N ARG A 24 16.00 3.94 20.23
CA ARG A 24 16.20 4.03 21.67
C ARG A 24 15.00 3.43 22.40
N SER A 25 15.26 2.49 23.33
CA SER A 25 14.23 1.85 24.15
C SER A 25 14.17 2.51 25.53
N SER A 26 12.97 2.53 26.15
CA SER A 26 12.72 3.13 27.47
C SER A 26 13.29 2.28 28.64
N GLN A 27 13.51 0.99 28.39
CA GLN A 27 14.04 0.00 29.33
C GLN A 27 15.18 -0.70 28.62
N SER A 28 16.11 -1.31 29.37
CA SER A 28 17.23 -2.06 28.79
C SER A 28 16.72 -3.32 28.10
N LEU A 29 17.35 -3.69 26.97
CA LEU A 29 16.99 -4.89 26.21
C LEU A 29 18.14 -5.89 26.27
N LEU A 30 19.11 -5.62 27.15
CA LEU A 30 20.28 -6.46 27.39
C LEU A 30 19.83 -7.70 28.15
N ARG A 31 20.21 -8.88 27.62
CA ARG A 31 19.86 -10.21 28.19
C ARG A 31 20.93 -10.68 29.20
N ARG A 32 20.67 -11.83 29.87
CA ARG A 32 21.61 -12.45 30.81
C ARG A 32 22.75 -13.14 30.04
N ASP A 33 22.46 -13.62 28.81
CA ASP A 33 23.39 -14.31 27.91
C ASP A 33 24.33 -13.33 27.16
N GLY A 34 24.12 -12.03 27.34
CA GLY A 34 24.92 -10.98 26.71
C GLY A 34 24.22 -10.29 25.56
N HIS A 35 23.51 -11.04 24.71
CA HIS A 35 22.80 -10.50 23.55
C HIS A 35 21.69 -9.51 23.90
N ASN A 36 21.16 -8.83 22.88
CA ASN A 36 20.11 -7.83 23.06
C ASN A 36 18.84 -8.26 22.37
N ASP A 37 17.70 -8.00 23.00
CA ASP A 37 16.39 -8.39 22.50
C ASP A 37 15.78 -7.30 21.62
N LEU A 38 16.52 -6.98 20.53
CA LEU A 38 16.22 -5.94 19.55
C LEU A 38 16.26 -6.51 18.15
N GLU A 39 15.18 -6.25 17.37
CA GLU A 39 15.04 -6.67 15.99
C GLU A 39 14.79 -5.46 15.09
N TRP A 40 15.11 -5.60 13.79
CA TRP A 40 14.92 -4.61 12.75
C TRP A 40 14.18 -5.25 11.61
N TYR A 41 13.10 -4.57 11.17
CA TYR A 41 12.28 -5.00 10.04
C TYR A 41 12.24 -3.96 8.95
N LEU A 42 12.18 -4.42 7.70
CA LEU A 42 11.96 -3.58 6.54
C LEU A 42 10.57 -3.94 6.01
N GLN A 43 9.77 -2.92 5.68
CA GLN A 43 8.49 -3.13 5.03
C GLN A 43 8.56 -2.34 3.73
N LYS A 44 8.72 -3.08 2.63
CA LYS A 44 8.81 -2.54 1.28
C LYS A 44 7.43 -2.22 0.83
N PRO A 45 7.28 -1.21 -0.06
CA PRO A 45 5.92 -0.85 -0.54
C PRO A 45 5.13 -2.05 -1.09
N GLY A 46 3.91 -2.18 -0.62
CA GLY A 46 3.00 -3.25 -1.01
C GLY A 46 3.17 -4.59 -0.34
N GLN A 47 4.28 -4.79 0.42
CA GLN A 47 4.62 -6.07 1.08
C GLN A 47 4.36 -6.07 2.60
N SER A 48 4.55 -7.23 3.23
CA SER A 48 4.44 -7.41 4.65
C SER A 48 5.88 -7.22 5.24
N PRO A 49 6.05 -6.85 6.54
CA PRO A 49 7.42 -6.66 7.06
C PRO A 49 8.32 -7.90 6.92
N GLN A 50 9.61 -7.66 6.74
CA GLN A 50 10.58 -8.75 6.58
C GLN A 50 11.73 -8.55 7.56
N PRO A 51 12.14 -9.61 8.30
CA PRO A 51 13.29 -9.45 9.22
C PRO A 51 14.62 -9.06 8.53
N LEU A 52 15.42 -8.23 9.19
CA LEU A 52 16.72 -7.84 8.67
C LEU A 52 17.77 -8.27 9.68
N ILE A 53 17.60 -7.81 10.94
CA ILE A 53 18.49 -8.02 12.06
C ILE A 53 17.68 -8.53 13.27
N TYR A 54 18.26 -9.49 14.02
CA TYR A 54 17.68 -10.03 15.25
C TYR A 54 18.78 -10.18 16.27
N LEU A 55 18.41 -10.15 17.56
CA LEU A 55 19.38 -10.26 18.68
C LEU A 55 20.41 -9.10 18.67
N GLY A 56 19.95 -7.93 18.26
CA GLY A 56 20.73 -6.70 18.19
C GLY A 56 21.66 -6.58 17.01
N SER A 57 22.36 -7.68 16.64
CA SER A 57 23.35 -7.67 15.55
C SER A 57 23.30 -8.78 14.50
N THR A 58 22.50 -9.84 14.70
CA THR A 58 22.46 -10.95 13.74
C THR A 58 21.65 -10.69 12.47
N ARG A 59 22.35 -10.67 11.35
CA ARG A 59 21.84 -10.45 10.02
C ARG A 59 21.04 -11.69 9.60
N ALA A 60 19.72 -11.51 9.37
CA ALA A 60 18.81 -12.59 8.99
C ALA A 60 19.15 -13.26 7.64
N SER A 61 18.54 -14.42 7.40
CA SER A 61 18.70 -15.25 6.21
C SER A 61 18.41 -14.48 4.91
N GLY A 62 19.43 -14.39 4.06
CA GLY A 62 19.36 -13.72 2.77
C GLY A 62 19.46 -12.21 2.81
N VAL A 63 19.69 -11.64 4.02
CA VAL A 63 19.80 -10.18 4.18
C VAL A 63 21.19 -9.77 3.71
N PRO A 64 21.32 -8.84 2.73
CA PRO A 64 22.66 -8.47 2.24
C PRO A 64 23.63 -8.02 3.33
N ASP A 65 24.94 -8.27 3.11
CA ASP A 65 26.06 -7.93 3.99
C ASP A 65 26.11 -6.39 4.23
N ARG A 66 25.45 -5.60 3.36
CA ARG A 66 25.40 -4.14 3.47
C ARG A 66 24.58 -3.62 4.69
N PHE A 67 23.68 -4.46 5.25
CA PHE A 67 22.87 -4.14 6.43
C PHE A 67 23.62 -4.64 7.68
N SER A 68 23.70 -3.80 8.72
CA SER A 68 24.35 -4.09 10.00
C SER A 68 23.54 -3.50 11.14
N GLY A 69 23.60 -4.15 12.28
CA GLY A 69 22.95 -3.73 13.51
C GLY A 69 23.95 -3.75 14.65
N SER A 70 23.94 -2.70 15.48
CA SER A 70 24.87 -2.53 16.59
C SER A 70 24.17 -1.84 17.75
N GLY A 71 24.86 -1.69 18.86
CA GLY A 71 24.30 -1.08 20.06
C GLY A 71 24.00 -2.09 21.15
N SER A 72 23.73 -1.56 22.35
CA SER A 72 23.44 -2.34 23.55
C SER A 72 22.52 -1.55 24.47
N GLY A 73 21.88 -2.27 25.39
CA GLY A 73 21.01 -1.73 26.42
C GLY A 73 19.78 -1.00 25.93
N THR A 74 19.86 0.35 25.91
CA THR A 74 18.75 1.22 25.50
C THR A 74 18.99 1.99 24.20
N ASP A 75 20.14 1.79 23.54
CA ASP A 75 20.51 2.53 22.32
C ASP A 75 21.06 1.61 21.24
N PHE A 76 20.38 1.59 20.06
CA PHE A 76 20.70 0.72 18.92
C PHE A 76 20.72 1.47 17.59
N THR A 77 21.44 0.90 16.59
CA THR A 77 21.57 1.50 15.26
C THR A 77 21.56 0.49 14.13
N LEU A 78 20.70 0.73 13.12
CA LEU A 78 20.72 -0.03 11.88
C LEU A 78 21.57 0.81 10.90
N LYS A 79 22.60 0.20 10.32
CA LYS A 79 23.43 0.88 9.33
C LYS A 79 23.28 0.16 7.99
N ILE A 80 23.19 0.94 6.91
CA ILE A 80 23.20 0.44 5.53
C ILE A 80 24.45 1.09 4.93
N ILE A 81 25.50 0.28 4.57
CA ILE A 81 26.79 0.78 4.05
C ILE A 81 26.68 1.56 2.74
N ARG A 82 25.92 1.04 1.75
CA ARG A 82 25.69 1.66 0.44
C ARG A 82 24.24 1.40 0.08
N VAL A 83 23.43 2.44 0.13
CA VAL A 83 22.01 2.42 -0.16
C VAL A 83 21.78 2.12 -1.65
N GLU A 84 20.74 1.32 -1.96
CA GLU A 84 20.34 0.90 -3.31
C GLU A 84 18.82 1.15 -3.50
N ALA A 85 18.35 1.19 -4.76
CA ALA A 85 16.94 1.39 -5.12
C ALA A 85 15.98 0.47 -4.32
N GLU A 86 16.36 -0.80 -4.14
CA GLU A 86 15.62 -1.87 -3.48
C GLU A 86 15.51 -1.71 -1.95
N ASP A 87 16.27 -0.79 -1.36
CA ASP A 87 16.25 -0.51 0.10
C ASP A 87 15.09 0.44 0.49
N ALA A 88 14.37 0.95 -0.50
CA ALA A 88 13.24 1.88 -0.29
C ALA A 88 12.14 1.23 0.51
N GLY A 89 11.65 1.95 1.50
CA GLY A 89 10.58 1.45 2.35
C GLY A 89 10.62 2.04 3.73
N THR A 90 9.93 1.39 4.66
CA THR A 90 9.85 1.79 6.08
C THR A 90 10.53 0.74 6.96
N TYR A 91 11.48 1.21 7.77
CA TYR A 91 12.25 0.40 8.68
C TYR A 91 11.68 0.55 10.09
N TYR A 92 11.59 -0.56 10.81
CA TYR A 92 11.05 -0.57 12.16
C TYR A 92 11.99 -1.30 13.06
N CYS A 93 12.18 -0.80 14.27
CA CYS A 93 12.89 -1.54 15.30
C CYS A 93 11.81 -2.18 16.21
N MET A 94 12.08 -3.38 16.74
CA MET A 94 11.16 -4.11 17.61
C MET A 94 11.88 -4.74 18.79
N GLN A 95 11.30 -4.59 19.99
CA GLN A 95 11.87 -5.27 21.15
C GLN A 95 11.12 -6.60 21.38
N ASN A 96 11.87 -7.68 21.65
CA ASN A 96 11.32 -9.00 21.94
C ASN A 96 11.73 -9.44 23.36
N LYS A 97 11.99 -8.46 24.24
CA LYS A 97 12.37 -8.66 25.63
C LYS A 97 11.16 -9.15 26.43
N GLN A 98 10.04 -8.39 26.37
CA GLN A 98 8.79 -8.67 27.07
C GLN A 98 7.55 -8.37 26.21
N THR A 99 6.39 -8.89 26.64
CA THR A 99 5.09 -8.65 25.99
C THR A 99 4.41 -7.45 26.69
N PRO A 100 3.72 -6.51 25.99
CA PRO A 100 3.51 -6.44 24.53
C PRO A 100 4.80 -6.20 23.76
N LEU A 101 4.97 -6.88 22.61
CA LEU A 101 6.11 -6.61 21.73
C LEU A 101 5.81 -5.20 21.21
N THR A 102 6.81 -4.32 21.24
CA THR A 102 6.60 -2.93 20.83
C THR A 102 7.53 -2.56 19.69
N PHE A 103 7.06 -1.70 18.80
CA PHE A 103 7.80 -1.26 17.63
C PHE A 103 8.00 0.25 17.65
N GLY A 104 8.98 0.73 16.91
CA GLY A 104 9.21 2.15 16.70
C GLY A 104 8.17 2.71 15.74
N GLN A 105 8.12 4.06 15.56
CA GLN A 105 7.15 4.75 14.71
C GLN A 105 7.30 4.34 13.23
N GLY A 106 8.54 3.99 12.85
CA GLY A 106 8.92 3.62 11.49
C GLY A 106 9.60 4.80 10.81
N THR A 107 10.69 4.51 10.12
CA THR A 107 11.47 5.49 9.37
C THR A 107 11.35 5.18 7.90
N ARG A 108 10.81 6.12 7.09
CA ARG A 108 10.74 5.90 5.67
C ARG A 108 12.06 6.29 5.01
N LEU A 109 12.60 5.37 4.19
CA LEU A 109 13.81 5.61 3.45
C LEU A 109 13.41 5.86 2.00
N GLU A 110 13.74 7.06 1.52
CA GLU A 110 13.51 7.44 0.13
C GLU A 110 14.87 7.31 -0.55
N ILE A 111 14.90 6.74 -1.77
CA ILE A 111 16.11 6.64 -2.57
C ILE A 111 16.14 7.87 -3.46
N LYS A 112 17.18 8.69 -3.28
CA LYS A 112 17.32 9.97 -3.96
C LYS A 112 18.01 9.84 -5.30
N ARG A 113 17.24 9.41 -6.32
CA ARG A 113 17.67 9.28 -7.70
C ARG A 113 17.78 10.64 -8.40
N THR A 114 18.21 10.64 -9.67
CA THR A 114 18.31 11.85 -10.49
C THR A 114 16.89 12.37 -10.82
N VAL A 115 16.79 13.68 -11.05
CA VAL A 115 15.51 14.32 -11.34
C VAL A 115 14.93 13.67 -12.61
N ALA A 116 13.63 13.35 -12.55
CA ALA A 116 12.93 12.74 -13.66
C ALA A 116 11.57 13.39 -13.73
N ALA A 117 11.34 14.13 -14.81
CA ALA A 117 10.09 14.81 -15.08
C ALA A 117 8.97 13.79 -15.39
N PRO A 118 7.69 14.07 -15.05
CA PRO A 118 6.65 13.09 -15.39
C PRO A 118 6.22 13.15 -16.87
N SER A 119 5.65 12.04 -17.34
CA SER A 119 4.97 11.93 -18.62
C SER A 119 3.53 12.21 -18.20
N VAL A 120 2.85 13.15 -18.84
CA VAL A 120 1.51 13.54 -18.42
C VAL A 120 0.48 13.10 -19.47
N PHE A 121 -0.65 12.60 -19.02
CA PHE A 121 -1.71 12.08 -19.87
C PHE A 121 -3.00 12.57 -19.36
N ILE A 122 -3.84 13.10 -20.27
CA ILE A 122 -5.16 13.60 -19.89
C ILE A 122 -6.25 12.73 -20.57
N PHE A 123 -7.28 12.34 -19.79
CA PHE A 123 -8.33 11.46 -20.21
C PHE A 123 -9.66 12.17 -19.99
N PRO A 124 -10.42 12.39 -21.07
CA PRO A 124 -11.74 13.04 -20.90
C PRO A 124 -12.78 12.08 -20.28
N PRO A 125 -13.94 12.60 -19.81
CA PRO A 125 -15.00 11.69 -19.33
C PRO A 125 -15.47 10.76 -20.46
N SER A 126 -15.76 9.51 -20.10
CA SER A 126 -16.28 8.58 -21.06
C SER A 126 -17.78 8.87 -21.19
N ASP A 127 -18.39 8.62 -22.38
CA ASP A 127 -19.83 8.84 -22.56
C ASP A 127 -20.63 7.98 -21.60
N GLU A 128 -20.12 6.79 -21.26
CA GLU A 128 -20.73 5.86 -20.30
C GLU A 128 -20.95 6.56 -18.97
N GLN A 129 -19.93 7.29 -18.47
CA GLN A 129 -20.08 8.01 -17.19
C GLN A 129 -21.03 9.19 -17.34
N LEU A 130 -20.87 9.99 -18.42
CA LEU A 130 -21.73 11.16 -18.71
C LEU A 130 -23.21 10.85 -18.68
N LYS A 131 -23.60 9.65 -19.15
CA LYS A 131 -24.98 9.11 -19.09
C LYS A 131 -25.52 9.14 -17.66
N SER A 132 -24.67 8.87 -16.67
CA SER A 132 -25.11 8.82 -15.26
C SER A 132 -25.24 10.20 -14.61
N GLY A 133 -24.83 11.25 -15.30
CA GLY A 133 -24.94 12.61 -14.78
C GLY A 133 -23.75 13.12 -14.01
N THR A 134 -22.60 12.40 -14.02
CA THR A 134 -21.34 12.81 -13.40
C THR A 134 -20.25 12.82 -14.48
N ALA A 135 -19.31 13.78 -14.43
CA ALA A 135 -18.19 13.85 -15.37
C ALA A 135 -16.84 13.94 -14.63
N SER A 136 -15.98 12.91 -14.82
CA SER A 136 -14.65 12.90 -14.25
C SER A 136 -13.58 13.05 -15.32
N VAL A 137 -12.66 13.98 -15.09
CA VAL A 137 -11.51 14.19 -15.98
C VAL A 137 -10.28 13.58 -15.25
N VAL A 138 -9.51 12.75 -15.94
CA VAL A 138 -8.36 12.06 -15.33
C VAL A 138 -7.02 12.56 -15.89
N CYS A 139 -6.10 12.94 -15.00
CA CYS A 139 -4.77 13.42 -15.35
C CYS A 139 -3.79 12.49 -14.69
N LEU A 140 -3.02 11.75 -15.50
CA LEU A 140 -2.04 10.81 -14.95
C LEU A 140 -0.62 11.29 -15.18
N LEU A 141 0.21 11.17 -14.14
CA LEU A 141 1.62 11.59 -14.17
C LEU A 141 2.44 10.33 -13.98
N ASN A 142 3.37 10.08 -14.88
CA ASN A 142 4.14 8.85 -14.74
C ASN A 142 5.60 9.06 -14.51
N ASN A 143 6.14 8.26 -13.61
CA ASN A 143 7.57 8.08 -13.34
C ASN A 143 8.41 9.33 -13.20
N PHE A 144 8.11 10.05 -12.16
CA PHE A 144 8.79 11.27 -11.83
C PHE A 144 9.51 11.18 -10.48
N TYR A 145 10.54 11.99 -10.34
CA TYR A 145 11.32 12.17 -9.14
C TYR A 145 11.86 13.61 -9.13
N PRO A 146 11.78 14.37 -8.02
CA PRO A 146 11.19 14.03 -6.71
C PRO A 146 9.66 13.92 -6.69
N ARG A 147 9.11 13.46 -5.55
CA ARG A 147 7.69 13.27 -5.29
C ARG A 147 6.89 14.56 -5.40
N GLU A 148 7.49 15.71 -5.03
CA GLU A 148 6.84 17.03 -5.14
C GLU A 148 6.45 17.29 -6.59
N ALA A 149 5.16 17.42 -6.80
CA ALA A 149 4.51 17.68 -8.07
C ALA A 149 3.26 18.45 -7.73
N LYS A 150 2.93 19.45 -8.51
CA LYS A 150 1.74 20.23 -8.28
C LYS A 150 0.87 20.05 -9.53
N VAL A 151 -0.40 19.64 -9.34
CA VAL A 151 -1.38 19.41 -10.41
C VAL A 151 -2.47 20.45 -10.26
N GLN A 152 -2.64 21.31 -11.27
CA GLN A 152 -3.68 22.34 -11.24
C GLN A 152 -4.65 22.12 -12.37
N TRP A 153 -5.93 22.08 -12.02
CA TRP A 153 -7.00 21.91 -12.98
C TRP A 153 -7.53 23.22 -13.45
N LYS A 154 -7.69 23.37 -14.75
CA LYS A 154 -8.24 24.61 -15.28
C LYS A 154 -9.45 24.28 -16.17
N VAL A 155 -10.54 25.05 -15.97
CA VAL A 155 -11.77 24.85 -16.74
C VAL A 155 -12.02 26.17 -17.45
N ASP A 156 -12.01 26.16 -18.79
CA ASP A 156 -12.10 27.36 -19.63
C ASP A 156 -11.04 28.37 -19.11
N ASN A 157 -9.85 27.84 -18.77
CA ASN A 157 -8.70 28.56 -18.21
C ASN A 157 -8.88 29.16 -16.80
N ALA A 158 -10.01 28.89 -16.14
CA ALA A 158 -10.21 29.35 -14.77
C ALA A 158 -9.78 28.23 -13.82
N LEU A 159 -8.87 28.55 -12.89
CA LEU A 159 -8.31 27.63 -11.90
C LEU A 159 -9.35 27.10 -10.93
N GLN A 160 -9.22 25.80 -10.61
CA GLN A 160 -10.09 25.08 -9.67
C GLN A 160 -9.38 24.95 -8.34
N SER A 161 -10.08 25.29 -7.27
CA SER A 161 -9.53 25.12 -5.92
C SER A 161 -10.13 23.86 -5.25
N GLY A 162 -11.19 23.31 -5.85
CA GLY A 162 -11.81 22.09 -5.37
C GLY A 162 -12.06 21.09 -6.49
N ASN A 163 -12.98 20.16 -6.23
CA ASN A 163 -13.48 19.13 -7.14
C ASN A 163 -12.49 18.05 -7.59
N SER A 164 -11.26 18.06 -7.05
CA SER A 164 -10.24 17.11 -7.40
C SER A 164 -9.70 16.28 -6.22
N GLN A 165 -9.22 15.09 -6.55
CA GLN A 165 -8.63 14.17 -5.60
C GLN A 165 -7.42 13.52 -6.26
N GLU A 166 -6.38 13.21 -5.48
CA GLU A 166 -5.24 12.56 -6.11
C GLU A 166 -4.67 11.49 -5.25
N SER A 167 -3.93 10.59 -5.86
CA SER A 167 -3.20 9.59 -5.13
C SER A 167 -1.83 9.39 -5.80
N VAL A 168 -0.82 9.17 -4.97
CA VAL A 168 0.55 8.98 -5.43
C VAL A 168 0.96 7.55 -5.06
N THR A 169 1.63 6.85 -5.98
CA THR A 169 2.15 5.52 -5.70
C THR A 169 3.31 5.66 -4.69
N GLU A 170 3.72 4.56 -4.08
CA GLU A 170 4.85 4.56 -3.17
C GLU A 170 6.09 4.46 -4.07
N GLN A 171 7.28 4.86 -3.58
CA GLN A 171 8.48 4.86 -4.41
C GLN A 171 8.76 3.47 -5.03
N ASP A 172 8.90 3.43 -6.35
CA ASP A 172 9.21 2.22 -7.10
C ASP A 172 10.57 1.63 -6.64
N SER A 173 10.55 0.37 -6.22
CA SER A 173 11.71 -0.39 -5.74
C SER A 173 12.82 -0.61 -6.79
N LYS A 174 12.51 -0.46 -8.08
CA LYS A 174 13.47 -0.67 -9.16
C LYS A 174 14.00 0.62 -9.75
N ASP A 175 13.12 1.53 -10.19
CA ASP A 175 13.55 2.80 -10.79
C ASP A 175 13.47 4.03 -9.88
N SER A 176 12.97 3.87 -8.62
CA SER A 176 12.89 4.94 -7.61
C SER A 176 12.01 6.13 -7.99
N THR A 177 11.06 5.91 -8.90
CA THR A 177 10.15 6.98 -9.32
C THR A 177 8.76 6.85 -8.64
N TYR A 178 7.93 7.90 -8.79
CA TYR A 178 6.57 7.96 -8.27
C TYR A 178 5.66 8.17 -9.46
N SER A 179 4.38 7.82 -9.30
CA SER A 179 3.36 8.04 -10.31
C SER A 179 2.17 8.60 -9.55
N LEU A 180 1.38 9.44 -10.21
CA LEU A 180 0.25 10.13 -9.58
C LEU A 180 -0.96 10.08 -10.50
N SER A 181 -2.13 9.97 -9.88
CA SER A 181 -3.42 10.00 -10.56
C SER A 181 -4.19 11.16 -9.96
N SER A 182 -4.63 12.13 -10.76
CA SER A 182 -5.49 13.23 -10.31
C SER A 182 -6.82 13.16 -11.04
N THR A 183 -7.92 13.24 -10.27
CA THR A 183 -9.26 13.16 -10.86
C THR A 183 -10.05 14.42 -10.54
N LEU A 184 -10.56 15.13 -11.58
CA LEU A 184 -11.44 16.27 -11.40
C LEU A 184 -12.87 15.75 -11.61
N THR A 185 -13.72 15.78 -10.59
CA THR A 185 -15.12 15.31 -10.72
C THR A 185 -16.08 16.47 -10.67
N LEU A 186 -16.80 16.63 -11.80
CA LEU A 186 -17.78 17.68 -12.05
C LEU A 186 -19.12 17.04 -12.21
N SER A 187 -20.19 17.84 -12.21
CA SER A 187 -21.50 17.31 -12.50
C SER A 187 -21.58 17.32 -14.03
N LYS A 188 -22.51 16.56 -14.63
CA LYS A 188 -22.68 16.63 -16.07
C LYS A 188 -23.08 18.04 -16.50
N ALA A 189 -23.98 18.70 -15.74
CA ALA A 189 -24.48 20.05 -16.02
C ALA A 189 -23.35 21.11 -16.16
N ASP A 190 -22.39 21.05 -15.26
CA ASP A 190 -21.22 21.91 -15.19
C ASP A 190 -20.29 21.56 -16.34
N TYR A 191 -20.05 20.26 -16.53
CA TYR A 191 -19.19 19.81 -17.62
C TYR A 191 -19.68 20.30 -19.00
N GLU A 192 -21.01 20.29 -19.23
CA GLU A 192 -21.67 20.70 -20.47
C GLU A 192 -21.72 22.20 -20.71
N LYS A 193 -21.42 22.99 -19.68
CA LYS A 193 -21.43 24.46 -19.71
C LYS A 193 -20.08 25.09 -20.01
N HIS A 194 -19.02 24.26 -20.03
CA HIS A 194 -17.66 24.70 -20.26
C HIS A 194 -17.04 23.91 -21.39
N LYS A 195 -15.94 24.42 -21.96
CA LYS A 195 -15.32 23.81 -23.14
C LYS A 195 -13.90 23.29 -23.01
N VAL A 196 -12.99 24.07 -22.40
CA VAL A 196 -11.56 23.71 -22.30
C VAL A 196 -11.25 23.10 -20.95
N TYR A 197 -10.73 21.86 -20.99
CA TYR A 197 -10.36 21.12 -19.78
C TYR A 197 -8.90 20.85 -19.82
N ALA A 198 -8.17 21.28 -18.78
CA ALA A 198 -6.72 21.18 -18.72
C ALA A 198 -6.19 20.86 -17.34
N CYS A 199 -5.10 20.09 -17.29
CA CYS A 199 -4.34 19.87 -16.08
C CYS A 199 -2.94 20.40 -16.35
N GLU A 200 -2.50 21.26 -15.48
CA GLU A 200 -1.19 21.89 -15.55
C GLU A 200 -0.31 21.29 -14.47
N VAL A 201 0.86 20.76 -14.88
CA VAL A 201 1.79 20.10 -13.98
C VAL A 201 3.08 20.92 -13.82
N THR A 202 3.49 21.15 -12.58
CA THR A 202 4.71 21.85 -12.24
C THR A 202 5.52 20.84 -11.45
N HIS A 203 6.74 20.62 -11.89
CA HIS A 203 7.67 19.64 -11.32
C HIS A 203 9.02 20.18 -11.59
N GLN A 204 9.98 19.77 -10.78
CA GLN A 204 11.40 20.12 -10.88
C GLN A 204 12.03 19.77 -12.25
N GLY A 205 11.68 18.63 -12.82
CA GLY A 205 12.27 18.17 -14.09
C GLY A 205 11.77 18.83 -15.35
N LEU A 206 10.81 19.76 -15.22
CA LEU A 206 10.22 20.53 -16.31
C LEU A 206 10.76 21.95 -16.27
N SER A 207 11.06 22.50 -17.44
CA SER A 207 11.57 23.85 -17.67
C SER A 207 10.50 24.85 -17.23
N SER A 208 9.24 24.54 -17.58
CA SER A 208 8.11 25.37 -17.22
C SER A 208 6.88 24.42 -17.09
N PRO A 209 5.74 24.85 -16.53
CA PRO A 209 4.62 23.90 -16.38
C PRO A 209 4.10 23.30 -17.67
N VAL A 210 3.77 22.00 -17.63
CA VAL A 210 3.21 21.31 -18.77
C VAL A 210 1.69 21.29 -18.66
N THR A 211 1.01 21.71 -19.73
CA THR A 211 -0.43 21.63 -19.77
C THR A 211 -0.89 20.63 -20.80
N LYS A 212 -1.72 19.65 -20.38
CA LYS A 212 -2.38 18.71 -21.29
C LYS A 212 -3.85 19.08 -21.26
N SER A 213 -4.45 19.31 -22.44
CA SER A 213 -5.85 19.72 -22.50
C SER A 213 -6.64 19.15 -23.67
N PHE A 214 -7.96 19.33 -23.63
CA PHE A 214 -8.86 18.89 -24.70
C PHE A 214 -10.06 19.82 -24.69
N ASN A 215 -10.82 19.84 -25.80
CA ASN A 215 -12.07 20.61 -25.86
C ASN A 215 -13.14 19.61 -25.78
N ARG A 216 -14.14 19.83 -24.91
CA ARG A 216 -15.27 18.92 -24.74
C ARG A 216 -15.93 18.57 -26.11
N GLY A 217 -16.14 17.29 -26.36
CA GLY A 217 -16.74 16.77 -27.58
C GLY A 217 -15.90 16.77 -28.86
N GLU A 218 -14.79 17.56 -28.88
CA GLU A 218 -13.88 17.66 -30.02
C GLU A 218 -12.86 16.50 -30.02
N CYS A 219 -13.22 15.39 -29.37
CA CYS A 219 -12.36 14.21 -29.27
C CYS A 219 -12.80 13.11 -30.22
N GLN B 3 2.93 -20.36 1.62
CA GLN B 3 3.80 -20.58 2.77
C GLN B 3 3.02 -20.31 4.09
N LEU B 4 2.61 -19.05 4.32
CA LEU B 4 1.79 -18.60 5.44
C LEU B 4 0.58 -17.87 4.85
N VAL B 5 -0.53 -18.61 4.69
CA VAL B 5 -1.80 -18.16 4.09
C VAL B 5 -2.76 -17.65 5.17
N GLU B 6 -3.20 -16.40 5.02
CA GLU B 6 -4.14 -15.75 5.94
C GLU B 6 -5.47 -15.51 5.26
N SER B 7 -6.57 -15.66 6.05
CA SER B 7 -7.94 -15.43 5.59
C SER B 7 -8.86 -15.09 6.77
N GLY B 8 -10.12 -14.82 6.45
CA GLY B 8 -11.13 -14.49 7.45
C GLY B 8 -11.49 -13.02 7.50
N GLY B 9 -10.62 -12.15 6.97
CA GLY B 9 -10.88 -10.71 6.97
C GLY B 9 -12.14 -10.35 6.20
N GLY B 10 -12.58 -9.10 6.34
CA GLY B 10 -13.76 -8.63 5.63
C GLY B 10 -14.32 -7.35 6.21
N LEU B 11 -15.43 -6.88 5.62
CA LEU B 11 -16.16 -5.71 6.11
C LEU B 11 -17.08 -6.25 7.17
N VAL B 12 -17.07 -5.63 8.37
CA VAL B 12 -17.94 -6.00 9.48
C VAL B 12 -18.51 -4.74 10.15
N GLN B 13 -19.75 -4.79 10.63
CA GLN B 13 -20.35 -3.65 11.31
C GLN B 13 -19.75 -3.53 12.72
N PRO B 14 -19.68 -2.30 13.31
CA PRO B 14 -19.18 -2.20 14.69
C PRO B 14 -20.03 -3.08 15.63
N GLY B 15 -19.36 -3.76 16.55
CA GLY B 15 -20.03 -4.69 17.46
C GLY B 15 -20.04 -6.10 16.92
N GLY B 16 -19.52 -6.25 15.71
CA GLY B 16 -19.47 -7.53 15.01
C GLY B 16 -18.30 -8.43 15.39
N SER B 17 -18.27 -9.59 14.79
CA SER B 17 -17.27 -10.59 15.07
C SER B 17 -16.58 -11.01 13.80
N LEU B 18 -15.33 -11.44 13.92
CA LEU B 18 -14.54 -11.96 12.82
C LEU B 18 -13.57 -13.00 13.35
N LYS B 19 -13.27 -14.04 12.56
CA LYS B 19 -12.29 -15.03 12.96
C LYS B 19 -11.26 -15.14 11.86
N LEU B 20 -10.03 -14.79 12.18
CA LEU B 20 -8.92 -14.81 11.23
C LEU B 20 -8.13 -16.10 11.35
N SER B 21 -7.71 -16.66 10.20
CA SER B 21 -6.94 -17.89 10.10
C SER B 21 -5.52 -17.57 9.63
N CYS B 22 -4.55 -18.31 10.17
CA CYS B 22 -3.15 -18.24 9.78
C CYS B 22 -2.70 -19.69 9.51
N ALA B 23 -2.84 -20.13 8.25
CA ALA B 23 -2.50 -21.51 7.88
C ALA B 23 -1.10 -21.70 7.28
N ALA B 24 -0.26 -22.49 7.96
CA ALA B 24 1.07 -22.82 7.48
C ALA B 24 0.92 -23.88 6.37
N SER B 25 1.53 -23.60 5.20
CA SER B 25 1.49 -24.51 4.04
C SER B 25 2.90 -24.98 3.66
N GLY B 26 3.23 -26.21 4.08
CA GLY B 26 4.51 -26.86 3.81
C GLY B 26 5.53 -26.86 4.94
N PHE B 27 5.05 -26.85 6.21
CA PHE B 27 5.83 -26.86 7.46
C PHE B 27 4.94 -26.91 8.70
N THR B 28 5.47 -27.45 9.82
CA THR B 28 4.73 -27.51 11.09
C THR B 28 4.69 -26.16 11.78
N LEU B 29 3.57 -25.87 12.47
CA LEU B 29 3.32 -24.61 13.17
C LEU B 29 3.40 -24.80 14.67
N SER B 30 3.20 -26.06 15.15
CA SER B 30 3.18 -26.42 16.57
C SER B 30 4.47 -26.15 17.33
N GLY B 31 5.61 -26.25 16.65
CA GLY B 31 6.91 -25.98 17.23
C GLY B 31 7.21 -24.50 17.41
N SER B 32 6.34 -23.65 16.87
CA SER B 32 6.52 -22.21 16.96
C SER B 32 5.38 -21.47 17.70
N ASN B 33 5.70 -20.26 18.19
CA ASN B 33 4.78 -19.33 18.86
C ASN B 33 4.14 -18.48 17.78
N VAL B 34 2.82 -18.20 17.89
CA VAL B 34 2.14 -17.38 16.89
C VAL B 34 1.65 -16.06 17.46
N HIS B 35 2.15 -14.96 16.92
CA HIS B 35 1.78 -13.61 17.33
C HIS B 35 0.88 -13.01 16.28
N TRP B 36 0.06 -12.04 16.67
CA TRP B 36 -0.80 -11.31 15.73
C TRP B 36 -0.43 -9.84 15.89
N VAL B 37 -0.16 -9.18 14.75
CA VAL B 37 0.27 -7.79 14.72
C VAL B 37 -0.58 -7.08 13.69
N ARG B 38 -1.00 -5.85 14.02
CA ARG B 38 -1.83 -5.09 13.11
C ARG B 38 -1.19 -3.80 12.61
N GLN B 39 -1.71 -3.32 11.50
CA GLN B 39 -1.30 -2.08 10.84
C GLN B 39 -2.51 -1.38 10.19
N ALA B 40 -2.91 -0.21 10.73
CA ALA B 40 -3.94 0.66 10.14
C ALA B 40 -3.22 1.39 9.00
N SER B 41 -3.88 1.45 7.80
CA SER B 41 -3.40 2.05 6.54
C SER B 41 -2.73 3.40 6.79
N GLY B 42 -1.45 3.48 6.44
CA GLY B 42 -0.62 4.67 6.62
C GLY B 42 0.10 4.78 7.96
N LYS B 43 -0.07 3.77 8.87
CA LYS B 43 0.52 3.77 10.24
C LYS B 43 1.56 2.66 10.43
N GLY B 44 2.03 2.49 11.66
CA GLY B 44 3.04 1.52 12.07
C GLY B 44 2.46 0.21 12.54
N LEU B 45 3.19 -0.49 13.38
CA LEU B 45 2.81 -1.79 13.86
C LEU B 45 2.41 -1.86 15.32
N GLU B 46 1.32 -2.60 15.59
CA GLU B 46 0.78 -2.73 16.93
C GLU B 46 0.54 -4.20 17.27
N TRP B 47 1.25 -4.73 18.29
CA TRP B 47 1.12 -6.12 18.73
C TRP B 47 -0.25 -6.33 19.35
N VAL B 48 -0.92 -7.39 18.90
CA VAL B 48 -2.28 -7.70 19.32
C VAL B 48 -2.29 -8.77 20.42
N GLY B 49 -1.56 -9.84 20.19
CA GLY B 49 -1.44 -10.95 21.09
C GLY B 49 -0.60 -12.06 20.47
N ARG B 50 -0.39 -13.13 21.27
CA ARG B 50 0.33 -14.35 20.90
C ARG B 50 -0.19 -15.60 21.61
N ILE B 51 0.04 -16.76 20.98
CA ILE B 51 -0.22 -18.09 21.54
C ILE B 51 1.12 -18.84 21.54
N LYS B 52 1.52 -19.38 22.71
CA LYS B 52 2.76 -20.16 22.87
C LYS B 52 2.60 -21.57 22.27
N ARG B 53 3.73 -22.23 21.97
CA ARG B 53 3.79 -23.59 21.38
C ARG B 53 3.10 -24.64 22.28
N ASN B 54 2.70 -25.80 21.70
CA ASN B 54 2.08 -26.91 22.44
C ASN B 54 2.99 -27.40 23.60
N ALA B 55 4.33 -27.20 23.43
CA ALA B 55 5.38 -27.48 24.41
C ALA B 55 5.27 -26.51 25.60
N GLU B 56 4.90 -25.24 25.34
CA GLU B 56 4.70 -24.18 26.36
C GLU B 56 3.21 -24.09 26.80
N SER B 57 2.45 -25.18 26.56
CA SER B 57 1.04 -25.39 26.91
C SER B 57 0.05 -24.33 26.40
N ASP B 58 0.27 -23.83 25.15
CA ASP B 58 -0.58 -22.85 24.46
C ASP B 58 -0.99 -21.61 25.29
N ALA B 59 -0.06 -21.06 26.10
CA ALA B 59 -0.31 -19.88 26.94
C ALA B 59 -0.55 -18.65 26.05
N THR B 60 -1.64 -17.92 26.33
CA THR B 60 -2.04 -16.73 25.57
C THR B 60 -1.74 -15.44 26.33
N ALA B 61 -1.43 -14.38 25.59
CA ALA B 61 -1.16 -13.04 26.10
C ALA B 61 -1.72 -12.05 25.07
N TYR B 62 -2.37 -10.97 25.54
CA TYR B 62 -3.03 -9.97 24.69
C TYR B 62 -2.68 -8.56 25.12
N ALA B 63 -2.83 -7.59 24.20
CA ALA B 63 -2.66 -6.18 24.48
C ALA B 63 -3.86 -5.79 25.36
N ALA B 64 -3.59 -5.13 26.51
CA ALA B 64 -4.59 -4.71 27.49
C ALA B 64 -5.65 -3.77 26.89
N SER B 65 -5.26 -3.00 25.85
CA SER B 65 -6.13 -2.07 25.12
C SER B 65 -7.32 -2.81 24.53
N MET B 66 -7.10 -4.05 24.05
CA MET B 66 -8.13 -4.93 23.53
C MET B 66 -8.69 -5.60 24.78
N ARG B 67 -9.67 -4.88 25.41
CA ARG B 67 -10.29 -5.24 26.68
C ARG B 67 -11.02 -6.61 26.63
N GLY B 68 -10.23 -7.68 26.59
CA GLY B 68 -10.70 -9.07 26.54
C GLY B 68 -11.55 -9.44 25.33
N ARG B 69 -11.56 -8.60 24.28
CA ARG B 69 -12.33 -8.78 23.03
C ARG B 69 -11.73 -9.80 22.03
N LEU B 70 -10.46 -10.24 22.24
CA LEU B 70 -9.77 -11.20 21.35
C LEU B 70 -9.56 -12.56 21.94
N THR B 71 -9.50 -13.58 21.07
CA THR B 71 -9.17 -14.94 21.45
C THR B 71 -8.22 -15.52 20.40
N ILE B 72 -7.00 -15.84 20.81
CA ILE B 72 -6.04 -16.50 19.93
C ILE B 72 -6.04 -17.98 20.28
N SER B 73 -6.31 -18.81 19.28
CA SER B 73 -6.33 -20.25 19.46
C SER B 73 -5.53 -20.91 18.32
N ARG B 74 -5.33 -22.23 18.40
CA ARG B 74 -4.63 -22.97 17.36
C ARG B 74 -5.20 -24.36 17.14
N ASP B 75 -5.24 -24.79 15.88
CA ASP B 75 -5.69 -26.11 15.47
C ASP B 75 -4.45 -26.79 14.92
N ASP B 76 -3.80 -27.61 15.76
CA ASP B 76 -2.57 -28.31 15.39
C ASP B 76 -2.77 -29.39 14.31
N SER B 77 -4.01 -29.94 14.22
CA SER B 77 -4.40 -30.94 13.21
C SER B 77 -4.60 -30.28 11.84
N LYS B 78 -5.16 -29.04 11.83
CA LYS B 78 -5.41 -28.22 10.63
C LYS B 78 -4.17 -27.39 10.29
N ASN B 79 -3.18 -27.34 11.22
CA ASN B 79 -1.92 -26.59 11.07
C ASN B 79 -2.18 -25.07 10.95
N THR B 80 -3.24 -24.61 11.60
CA THR B 80 -3.71 -23.21 11.57
C THR B 80 -3.80 -22.60 12.98
N ALA B 81 -3.51 -21.29 13.07
CA ALA B 81 -3.68 -20.46 14.26
C ALA B 81 -4.77 -19.43 13.93
N PHE B 82 -5.57 -19.05 14.93
CA PHE B 82 -6.70 -18.14 14.72
C PHE B 82 -6.67 -16.91 15.58
N LEU B 83 -7.32 -15.86 15.10
CA LEU B 83 -7.55 -14.66 15.87
C LEU B 83 -9.04 -14.35 15.75
N GLN B 84 -9.77 -14.65 16.82
CA GLN B 84 -11.19 -14.32 16.90
C GLN B 84 -11.31 -12.92 17.53
N MET B 85 -12.01 -12.01 16.84
N MET B 85 -11.99 -12.02 16.83
CA MET B 85 -12.18 -10.66 17.36
CA MET B 85 -12.18 -10.65 17.28
C MET B 85 -13.64 -10.40 17.55
C MET B 85 -13.66 -10.43 17.55
N ASN B 86 -14.00 -9.86 18.71
CA ASN B 86 -15.41 -9.61 19.06
C ASN B 86 -15.65 -8.16 19.42
N SER B 87 -16.93 -7.74 19.46
CA SER B 87 -17.37 -6.37 19.80
C SER B 87 -16.47 -5.36 19.05
N LEU B 88 -16.31 -5.61 17.74
CA LEU B 88 -15.45 -4.85 16.84
C LEU B 88 -15.67 -3.36 16.81
N LYS B 89 -14.56 -2.62 16.88
CA LYS B 89 -14.58 -1.16 16.90
C LYS B 89 -14.04 -0.65 15.59
N SER B 90 -14.52 0.53 15.20
CA SER B 90 -14.09 1.27 14.03
C SER B 90 -12.55 1.31 13.97
N ASP B 91 -11.90 1.50 15.13
CA ASP B 91 -10.45 1.60 15.28
C ASP B 91 -9.69 0.27 15.22
N ASP B 92 -10.43 -0.82 14.99
CA ASP B 92 -9.85 -2.15 14.79
C ASP B 92 -9.60 -2.36 13.31
N THR B 93 -10.04 -1.40 12.47
CA THR B 93 -9.81 -1.44 11.02
C THR B 93 -8.28 -1.47 10.79
N ALA B 94 -7.79 -2.53 10.14
CA ALA B 94 -6.35 -2.69 9.88
C ALA B 94 -6.09 -3.93 9.10
N MET B 95 -4.86 -4.04 8.62
CA MET B 95 -4.30 -5.25 8.07
C MET B 95 -3.73 -6.03 9.27
N TYR B 96 -4.19 -7.25 9.42
CA TYR B 96 -3.75 -8.11 10.51
C TYR B 96 -2.80 -9.16 9.98
N TYR B 97 -1.64 -9.29 10.63
CA TYR B 97 -0.63 -10.26 10.27
C TYR B 97 -0.40 -11.27 11.36
N CYS B 98 -0.06 -12.48 10.98
CA CYS B 98 0.41 -13.45 11.96
C CYS B 98 1.92 -13.56 11.74
N VAL B 99 2.66 -13.65 12.85
CA VAL B 99 4.12 -13.69 12.86
C VAL B 99 4.55 -14.92 13.66
N ILE B 100 5.38 -15.76 13.04
CA ILE B 100 5.94 -17.00 13.57
C ILE B 100 7.26 -16.75 14.35
N ARG B 101 7.42 -17.43 15.51
CA ARG B 101 8.57 -17.31 16.41
C ARG B 101 9.07 -18.65 16.93
N GLY B 102 10.38 -18.82 16.91
CA GLY B 102 11.03 -20.03 17.42
C GLY B 102 11.47 -20.99 16.34
N ASP B 103 10.64 -22.02 16.08
CA ASP B 103 10.93 -23.01 15.04
C ASP B 103 10.83 -22.34 13.68
N VAL B 104 11.78 -22.66 12.81
CA VAL B 104 11.88 -22.08 11.47
C VAL B 104 10.73 -22.54 10.55
N TYR B 105 10.15 -21.67 9.67
CA TYR B 105 10.50 -20.29 9.29
C TYR B 105 10.29 -19.20 10.38
N ASN B 106 11.38 -18.91 11.13
CA ASN B 106 11.40 -17.95 12.24
C ASN B 106 11.40 -16.50 11.77
N ARG B 107 10.61 -15.65 12.47
CA ARG B 107 10.41 -14.20 12.24
C ARG B 107 9.65 -13.86 10.95
N GLN B 108 9.14 -14.90 10.25
CA GLN B 108 8.35 -14.78 9.03
C GLN B 108 6.94 -14.26 9.31
N TRP B 109 6.47 -13.34 8.47
CA TRP B 109 5.16 -12.71 8.57
C TRP B 109 4.29 -13.26 7.47
N GLY B 110 2.98 -13.40 7.75
CA GLY B 110 2.01 -13.79 6.74
C GLY B 110 1.78 -12.63 5.80
N GLN B 111 0.94 -12.82 4.77
CA GLN B 111 0.67 -11.78 3.77
C GLN B 111 -0.33 -10.70 4.25
N GLY B 112 -0.96 -10.97 5.37
CA GLY B 112 -1.96 -10.08 5.97
C GLY B 112 -3.36 -10.32 5.46
N THR B 113 -4.35 -10.06 6.30
CA THR B 113 -5.78 -10.16 5.98
C THR B 113 -6.37 -8.88 6.47
N LEU B 114 -7.21 -8.24 5.66
CA LEU B 114 -7.78 -6.94 5.96
C LEU B 114 -9.13 -6.98 6.67
N VAL B 115 -9.24 -6.15 7.69
CA VAL B 115 -10.44 -6.04 8.52
C VAL B 115 -10.91 -4.60 8.46
N THR B 116 -12.12 -4.40 7.96
CA THR B 116 -12.72 -3.06 7.90
C THR B 116 -13.93 -3.07 8.79
N VAL B 117 -13.96 -2.18 9.78
CA VAL B 117 -15.10 -2.09 10.70
C VAL B 117 -15.84 -0.78 10.39
N SER B 118 -17.04 -0.89 9.82
CA SER B 118 -17.82 0.30 9.46
C SER B 118 -19.27 -0.03 9.33
N SER B 119 -20.14 0.95 9.63
CA SER B 119 -21.57 0.76 9.44
C SER B 119 -21.94 1.11 7.98
N ALA B 120 -21.01 1.75 7.22
CA ALA B 120 -21.26 2.10 5.82
C ALA B 120 -21.45 0.85 4.97
N SER B 121 -22.45 0.89 4.08
CA SER B 121 -22.77 -0.26 3.24
C SER B 121 -21.76 -0.41 2.09
N PRO B 122 -21.43 -1.63 1.64
CA PRO B 122 -20.52 -1.72 0.49
C PRO B 122 -21.14 -1.08 -0.75
N THR B 123 -20.31 -0.43 -1.55
CA THR B 123 -20.69 0.23 -2.80
C THR B 123 -19.69 -0.25 -3.84
N SER B 124 -20.21 -0.87 -4.91
CA SER B 124 -19.44 -1.39 -6.02
C SER B 124 -18.87 -0.20 -6.79
N PRO B 125 -17.64 -0.30 -7.34
CA PRO B 125 -17.14 0.82 -8.15
C PRO B 125 -17.91 1.01 -9.45
N LYS B 126 -17.88 2.23 -9.95
CA LYS B 126 -18.43 2.61 -11.24
C LYS B 126 -17.18 2.63 -12.07
N VAL B 127 -17.07 1.68 -12.98
CA VAL B 127 -15.86 1.48 -13.76
C VAL B 127 -16.07 1.93 -15.20
N PHE B 128 -15.18 2.77 -15.69
CA PHE B 128 -15.33 3.36 -17.01
C PHE B 128 -14.09 3.29 -17.86
N PRO B 129 -14.23 3.08 -19.20
CA PRO B 129 -13.06 3.06 -20.07
C PRO B 129 -12.53 4.46 -20.31
N LEU B 130 -11.20 4.59 -20.38
CA LEU B 130 -10.57 5.88 -20.62
C LEU B 130 -9.63 5.79 -21.78
N SER B 131 -9.78 6.74 -22.73
CA SER B 131 -8.96 6.84 -23.92
C SER B 131 -8.40 8.25 -23.98
N LEU B 132 -7.24 8.37 -24.59
CA LEU B 132 -6.56 9.64 -24.83
C LEU B 132 -7.37 10.39 -25.91
N CYS B 133 -7.44 11.70 -25.81
CA CYS B 133 -8.13 12.51 -26.80
C CYS B 133 -7.11 12.84 -27.94
N SER B 134 -5.85 13.03 -27.54
CA SER B 134 -4.67 13.35 -28.33
C SER B 134 -4.11 12.20 -29.18
N THR B 135 -2.95 12.45 -29.81
CA THR B 135 -2.19 11.45 -30.55
C THR B 135 -1.50 10.55 -29.51
N GLN B 136 -1.33 9.27 -29.86
CA GLN B 136 -0.68 8.27 -29.01
C GLN B 136 0.83 8.48 -28.98
N PRO B 137 1.55 8.08 -27.89
CA PRO B 137 3.03 8.17 -27.93
C PRO B 137 3.52 7.22 -29.04
N ASP B 138 4.58 7.59 -29.78
CA ASP B 138 5.05 6.81 -30.94
C ASP B 138 5.34 5.32 -30.69
N GLY B 139 4.47 4.48 -31.23
CA GLY B 139 4.59 3.02 -31.08
C GLY B 139 3.99 2.41 -29.83
N ASN B 140 3.58 3.25 -28.86
CA ASN B 140 2.93 2.77 -27.62
C ASN B 140 1.48 3.22 -27.57
N VAL B 141 0.65 2.48 -26.85
CA VAL B 141 -0.76 2.80 -26.63
C VAL B 141 -0.94 2.98 -25.12
N VAL B 142 -1.58 4.10 -24.73
CA VAL B 142 -1.89 4.42 -23.35
C VAL B 142 -3.44 4.45 -23.22
N ILE B 143 -3.97 3.57 -22.40
CA ILE B 143 -5.41 3.45 -22.10
C ILE B 143 -5.55 3.35 -20.59
N ALA B 144 -6.73 3.64 -20.07
CA ALA B 144 -6.97 3.54 -18.65
C ALA B 144 -8.41 3.14 -18.34
N CYS B 145 -8.68 2.85 -17.06
CA CYS B 145 -10.01 2.59 -16.52
C CYS B 145 -10.16 3.43 -15.27
N LEU B 146 -11.28 4.17 -15.18
CA LEU B 146 -11.64 4.96 -14.00
C LEU B 146 -12.43 3.99 -13.11
N VAL B 147 -12.08 3.92 -11.81
CA VAL B 147 -12.70 3.03 -10.83
C VAL B 147 -13.22 3.98 -9.75
N GLN B 148 -14.46 4.42 -9.89
CA GLN B 148 -15.09 5.46 -9.11
C GLN B 148 -16.15 5.06 -8.10
N GLY B 149 -16.17 5.79 -6.97
CA GLY B 149 -17.19 5.74 -5.92
C GLY B 149 -17.43 4.40 -5.26
N PHE B 150 -16.37 3.76 -4.74
CA PHE B 150 -16.49 2.44 -4.11
C PHE B 150 -16.20 2.41 -2.61
N PHE B 151 -16.81 1.42 -1.90
CA PHE B 151 -16.54 1.21 -0.48
C PHE B 151 -16.66 -0.29 -0.14
N PRO B 152 -15.72 -0.92 0.64
CA PRO B 152 -14.51 -0.36 1.28
C PRO B 152 -13.41 -0.04 0.27
N GLN B 153 -12.40 0.73 0.69
CA GLN B 153 -11.29 1.12 -0.19
C GLN B 153 -10.46 -0.07 -0.64
N GLU B 154 -10.35 -1.07 0.22
CA GLU B 154 -9.59 -2.29 -0.06
C GLU B 154 -10.38 -3.53 0.44
N PRO B 155 -10.15 -4.74 -0.12
CA PRO B 155 -9.26 -5.04 -1.25
C PRO B 155 -9.86 -4.62 -2.58
N LEU B 156 -9.02 -4.03 -3.42
CA LEU B 156 -9.34 -3.66 -4.78
C LEU B 156 -8.16 -4.05 -5.66
N SER B 157 -8.42 -4.80 -6.73
CA SER B 157 -7.37 -5.18 -7.66
C SER B 157 -7.86 -5.01 -9.07
N VAL B 158 -6.97 -4.55 -9.95
CA VAL B 158 -7.23 -4.34 -11.36
C VAL B 158 -6.20 -5.13 -12.16
N THR B 159 -6.64 -5.96 -13.09
CA THR B 159 -5.77 -6.68 -14.01
C THR B 159 -6.26 -6.38 -15.43
N TRP B 160 -5.36 -6.48 -16.39
CA TRP B 160 -5.67 -6.18 -17.78
C TRP B 160 -5.57 -7.43 -18.62
N SER B 161 -6.27 -7.48 -19.79
CA SER B 161 -6.29 -8.67 -20.67
C SER B 161 -4.98 -8.80 -21.52
N GLU B 162 -4.10 -7.82 -21.42
CA GLU B 162 -2.78 -7.84 -22.08
C GLU B 162 -1.68 -7.71 -21.04
N SER B 163 -0.63 -8.50 -21.21
CA SER B 163 0.56 -8.50 -20.36
C SER B 163 1.78 -8.87 -21.20
N GLY B 164 2.97 -8.84 -20.58
CA GLY B 164 4.22 -9.21 -21.23
C GLY B 164 5.24 -8.10 -21.43
N GLN B 165 6.16 -8.32 -22.35
CA GLN B 165 7.28 -7.44 -22.72
C GLN B 165 6.73 -6.11 -23.27
N GLY B 166 7.13 -5.00 -22.65
CA GLY B 166 6.67 -3.67 -23.06
C GLY B 166 5.28 -3.33 -22.57
N VAL B 167 4.69 -4.19 -21.73
CA VAL B 167 3.40 -3.92 -21.13
C VAL B 167 3.63 -3.51 -19.66
N THR B 168 3.10 -2.36 -19.27
CA THR B 168 3.18 -1.83 -17.92
C THR B 168 1.78 -1.38 -17.49
N ALA B 169 1.29 -1.97 -16.40
CA ALA B 169 0.03 -1.64 -15.74
C ALA B 169 0.39 -0.75 -14.56
N ARG B 170 -0.31 0.38 -14.41
CA ARG B 170 -0.06 1.30 -13.28
C ARG B 170 -1.30 1.40 -12.47
N ASN B 171 -1.22 1.00 -11.19
CA ASN B 171 -2.32 1.06 -10.22
C ASN B 171 -2.03 2.09 -9.14
N PHE B 172 -3.05 2.85 -8.77
CA PHE B 172 -2.90 3.94 -7.83
C PHE B 172 -3.68 3.63 -6.56
N PRO B 173 -3.17 4.05 -5.37
CA PRO B 173 -3.94 3.83 -4.13
C PRO B 173 -5.30 4.56 -4.21
N PRO B 174 -6.43 3.98 -3.77
CA PRO B 174 -7.70 4.74 -3.81
C PRO B 174 -7.53 6.02 -2.98
N SER B 175 -8.32 7.06 -3.27
CA SER B 175 -8.30 8.25 -2.46
C SER B 175 -9.74 8.53 -2.16
N GLN B 176 -9.99 9.09 -0.99
CA GLN B 176 -11.33 9.45 -0.58
C GLN B 176 -11.95 10.54 -1.47
N ASP B 177 -13.24 10.38 -1.81
CA ASP B 177 -14.00 11.34 -2.59
C ASP B 177 -14.26 12.62 -1.75
N ALA B 178 -14.70 13.72 -2.41
CA ALA B 178 -14.99 15.02 -1.78
C ALA B 178 -16.01 14.95 -0.63
N SER B 179 -17.07 14.18 -0.82
CA SER B 179 -18.20 14.07 0.10
C SER B 179 -18.51 12.59 0.32
N GLY B 180 -19.07 12.24 1.48
CA GLY B 180 -19.42 10.83 1.76
C GLY B 180 -18.23 9.95 2.09
N ASP B 181 -18.43 8.63 2.05
CA ASP B 181 -17.39 7.64 2.40
C ASP B 181 -16.79 6.92 1.18
N LEU B 182 -17.01 7.44 -0.03
CA LEU B 182 -16.55 6.72 -1.21
C LEU B 182 -15.13 7.02 -1.63
N TYR B 183 -14.52 6.07 -2.35
CA TYR B 183 -13.14 6.12 -2.84
C TYR B 183 -13.11 6.00 -4.36
N THR B 184 -12.05 6.56 -4.97
CA THR B 184 -11.83 6.55 -6.41
C THR B 184 -10.35 6.38 -6.70
N THR B 185 -10.08 5.69 -7.79
CA THR B 185 -8.75 5.47 -8.33
C THR B 185 -8.88 5.21 -9.81
N SER B 186 -7.76 4.91 -10.45
CA SER B 186 -7.77 4.55 -11.85
C SER B 186 -6.64 3.51 -12.00
N SER B 187 -6.65 2.83 -13.12
CA SER B 187 -5.66 1.85 -13.51
C SER B 187 -5.30 2.23 -14.93
N GLN B 188 -4.02 2.36 -15.20
CA GLN B 188 -3.49 2.72 -16.52
C GLN B 188 -2.75 1.54 -17.17
N LEU B 189 -2.90 1.37 -18.49
CA LEU B 189 -2.16 0.34 -19.22
C LEU B 189 -1.39 0.98 -20.37
N THR B 190 -0.07 0.71 -20.42
CA THR B 190 0.82 1.10 -21.50
C THR B 190 1.24 -0.20 -22.15
N LEU B 191 1.05 -0.31 -23.44
CA LEU B 191 1.43 -1.52 -24.17
C LEU B 191 1.90 -1.17 -25.60
N PRO B 192 2.68 -2.05 -26.29
CA PRO B 192 3.11 -1.73 -27.67
C PRO B 192 1.88 -1.58 -28.57
N ALA B 193 1.91 -0.64 -29.57
CA ALA B 193 0.78 -0.39 -30.49
C ALA B 193 0.35 -1.66 -31.23
N THR B 194 1.32 -2.54 -31.43
CA THR B 194 1.26 -3.84 -32.08
C THR B 194 0.30 -4.78 -31.32
N GLN B 195 0.30 -4.70 -29.96
CA GLN B 195 -0.54 -5.50 -29.06
C GLN B 195 -1.92 -4.80 -28.83
N CYS B 196 -2.13 -3.62 -29.44
CA CYS B 196 -3.40 -2.88 -29.31
C CYS B 196 -3.67 -2.22 -30.66
N LEU B 197 -3.80 -3.04 -31.71
CA LEU B 197 -4.07 -2.57 -33.07
C LEU B 197 -5.45 -1.92 -33.19
N ALA B 198 -5.59 -0.97 -34.13
CA ALA B 198 -6.86 -0.31 -34.44
C ALA B 198 -7.91 -1.39 -34.74
N GLY B 199 -9.06 -1.30 -34.09
CA GLY B 199 -10.15 -2.25 -34.25
C GLY B 199 -10.28 -3.23 -33.10
N LYS B 200 -9.15 -3.48 -32.38
CA LYS B 200 -9.11 -4.38 -31.25
C LYS B 200 -9.60 -3.64 -30.01
N SER B 201 -10.08 -4.37 -29.02
CA SER B 201 -10.43 -3.81 -27.73
C SER B 201 -9.74 -4.66 -26.67
N VAL B 202 -9.51 -4.06 -25.51
CA VAL B 202 -8.87 -4.67 -24.35
C VAL B 202 -9.84 -4.64 -23.15
N THR B 203 -9.56 -5.43 -22.09
CA THR B 203 -10.40 -5.47 -20.87
C THR B 203 -9.66 -5.14 -19.57
N CYS B 204 -10.22 -4.27 -18.75
CA CYS B 204 -9.69 -4.11 -17.40
C CYS B 204 -10.67 -4.88 -16.47
N HIS B 205 -10.13 -5.79 -15.66
CA HIS B 205 -10.88 -6.65 -14.75
C HIS B 205 -10.70 -6.07 -13.34
N VAL B 206 -11.80 -5.63 -12.73
CA VAL B 206 -11.82 -4.97 -11.42
C VAL B 206 -12.46 -5.88 -10.39
N LYS B 207 -11.64 -6.39 -9.43
CA LYS B 207 -12.09 -7.24 -8.33
C LYS B 207 -12.16 -6.33 -7.12
N HIS B 208 -13.36 -6.11 -6.57
CA HIS B 208 -13.54 -5.26 -5.40
C HIS B 208 -14.19 -6.04 -4.31
N TYR B 209 -13.59 -6.02 -3.11
CA TYR B 209 -14.08 -6.67 -1.91
C TYR B 209 -14.77 -8.02 -2.23
N THR B 210 -16.08 -8.23 -1.91
CA THR B 210 -16.77 -9.50 -2.20
C THR B 210 -17.78 -9.39 -3.35
N ASN B 211 -17.96 -8.15 -3.91
CA ASN B 211 -18.91 -7.97 -5.01
C ASN B 211 -18.43 -8.62 -6.31
N PRO B 212 -19.35 -9.10 -7.19
CA PRO B 212 -18.90 -9.72 -8.46
C PRO B 212 -17.99 -8.78 -9.22
N SER B 213 -16.91 -9.35 -9.78
CA SER B 213 -15.90 -8.64 -10.58
C SER B 213 -16.51 -7.97 -11.80
N GLN B 214 -15.92 -6.86 -12.23
CA GLN B 214 -16.40 -6.11 -13.38
C GLN B 214 -15.37 -6.19 -14.49
N ASP B 215 -15.82 -6.45 -15.72
CA ASP B 215 -14.97 -6.54 -16.91
C ASP B 215 -15.36 -5.38 -17.81
N VAL B 216 -14.50 -4.38 -17.95
CA VAL B 216 -14.81 -3.20 -18.77
C VAL B 216 -13.98 -3.13 -20.04
N THR B 217 -14.65 -2.95 -21.18
CA THR B 217 -14.01 -2.88 -22.49
C THR B 217 -13.47 -1.48 -22.76
N VAL B 218 -12.21 -1.45 -23.23
CA VAL B 218 -11.48 -0.26 -23.56
C VAL B 218 -11.01 -0.47 -25.01
N PRO B 219 -11.48 0.35 -25.96
CA PRO B 219 -11.04 0.16 -27.35
C PRO B 219 -9.60 0.62 -27.58
N CYS B 220 -8.91 -0.03 -28.50
CA CYS B 220 -7.58 0.39 -28.91
C CYS B 220 -7.75 1.62 -29.78
N PRO B 221 -6.78 2.55 -29.78
CA PRO B 221 -6.93 3.78 -30.59
C PRO B 221 -6.90 3.63 -32.11
C1 GOL C . -21.74 23.04 -27.45
O1 GOL C . -22.24 23.44 -26.16
C2 GOL C . -20.25 22.90 -27.30
O2 GOL C . -19.89 21.71 -27.92
C3 GOL C . -19.43 24.08 -27.79
O3 GOL C . -19.02 24.97 -26.72
C1 GOL D . 8.70 21.81 -19.54
O1 GOL D . 9.96 21.12 -19.74
C2 GOL D . 7.95 22.30 -20.80
O2 GOL D . 7.59 21.20 -21.67
C3 GOL D . 6.67 23.02 -20.40
O3 GOL D . 5.97 23.63 -21.50
C1 GOL E . -2.44 1.97 15.41
O1 GOL E . -1.21 2.65 15.12
C2 GOL E . -2.39 0.47 15.02
O2 GOL E . -3.68 -0.12 14.66
C3 GOL E . -1.22 0.14 14.09
O3 GOL E . -1.25 0.94 12.92
#